data_1R5M
#
_entry.id   1R5M
#
_cell.length_a   107.100
_cell.length_b   107.100
_cell.length_c   82.590
_cell.angle_alpha   90.00
_cell.angle_beta   90.00
_cell.angle_gamma   120.00
#
_symmetry.space_group_name_H-M   'P 65'
#
loop_
_entity.id
_entity.type
_entity.pdbx_description
1 polymer 'SIR4-interacting protein SIF2'
2 non-polymer 'SULFATE ION'
3 water water
#
_entity_poly.entity_id   1
_entity_poly.type   'polypeptide(L)'
_entity_poly.pdbx_seq_one_letter_code
;SESNKAGEDGASTVERETQEDDTNSIDSSDDLDGFVKILKEIVKLDNIVSSTWNPLDESILAYGEKNSVARLARIVETDQ
EGKKYWKLTIIAELRHPFALSASSGKTTNQVTCLAWSHDGNSIVTGVENGELRLWNKTGALLNVLNFHRAPIVSVKWNKD
GTHIISMDVENVTILWNVISGTVMQHFELKETGGSSINAENHSGDGSLGVDVEWVDDDKFVIPGPKGAIFVYQITEKTPT
GKLIGHHGPISVLEFNDTNKLLLSASDDGTLRIWHGGNGNSQNCFYGHSQSIVSASWVGDDKVISCSMDGSVRLWSLKQN
TLLALSIVDGVPIFAGRISQDGQKYAVAFMDGQVNVYDLKKLNSKSRSLYGNRDGILNPLPIPLYASYQSSQDNDYIFDL
SWNCAGNKISVAYSLQEGSVVAIPG
;
_entity_poly.pdbx_strand_id   A
#
loop_
_chem_comp.id
_chem_comp.type
_chem_comp.name
_chem_comp.formula
SO4 non-polymer 'SULFATE ION' 'O4 S -2'
#
# COMPACT_ATOMS: atom_id res chain seq x y z
N GLY A 34 -5.33 -22.87 -17.83
CA GLY A 34 -6.28 -23.52 -18.78
C GLY A 34 -7.49 -22.66 -19.06
N PHE A 35 -7.55 -21.49 -18.42
CA PHE A 35 -8.68 -20.58 -18.59
C PHE A 35 -8.44 -19.26 -17.85
N VAL A 36 -8.31 -18.18 -18.62
CA VAL A 36 -8.10 -16.85 -18.06
C VAL A 36 -9.41 -16.10 -18.06
N LYS A 37 -9.83 -15.61 -16.90
CA LYS A 37 -11.08 -14.87 -16.81
C LYS A 37 -10.90 -13.44 -17.29
N ILE A 38 -11.92 -12.91 -17.96
CA ILE A 38 -11.88 -11.54 -18.44
C ILE A 38 -12.82 -10.76 -17.51
N LEU A 39 -12.22 -9.92 -16.68
CA LEU A 39 -12.95 -9.15 -15.67
C LEU A 39 -13.84 -8.05 -16.24
N LYS A 40 -14.97 -7.85 -15.58
CA LYS A 40 -15.92 -6.83 -16.00
C LYS A 40 -16.04 -5.71 -14.97
N GLU A 41 -16.32 -4.51 -15.46
CA GLU A 41 -16.52 -3.38 -14.56
C GLU A 41 -17.94 -3.48 -14.02
N ILE A 42 -18.12 -3.23 -12.73
CA ILE A 42 -19.46 -3.28 -12.16
C ILE A 42 -19.92 -1.89 -11.71
N VAL A 43 -18.96 -1.00 -11.45
CA VAL A 43 -19.29 0.37 -11.04
C VAL A 43 -18.31 1.36 -11.66
N LYS A 44 -18.84 2.42 -12.24
CA LYS A 44 -18.02 3.46 -12.82
C LYS A 44 -17.90 4.58 -11.80
N LEU A 45 -16.66 4.97 -11.50
CA LEU A 45 -16.42 6.03 -10.52
C LEU A 45 -15.98 7.29 -11.25
N ASP A 46 -15.89 8.40 -10.53
CA ASP A 46 -15.37 9.62 -11.13
C ASP A 46 -13.88 9.32 -11.09
N ASN A 47 -13.07 10.25 -11.59
CA ASN A 47 -11.62 10.02 -11.53
C ASN A 47 -11.21 9.93 -10.07
N ILE A 48 -10.31 9.00 -9.78
CA ILE A 48 -9.80 8.86 -8.41
C ILE A 48 -8.29 8.78 -8.47
N VAL A 49 -7.64 9.25 -7.42
CA VAL A 49 -6.18 9.23 -7.35
C VAL A 49 -5.72 7.89 -6.79
N SER A 50 -6.38 7.45 -5.73
CA SER A 50 -6.09 6.17 -5.10
C SER A 50 -7.30 5.79 -4.27
N SER A 51 -7.34 4.57 -3.77
CA SER A 51 -8.48 4.14 -2.96
C SER A 51 -8.07 3.03 -2.03
N THR A 52 -8.90 2.79 -1.02
CA THR A 52 -8.65 1.72 -0.07
C THR A 52 -9.99 1.30 0.54
N TRP A 53 -10.24 -0.01 0.50
CA TRP A 53 -11.49 -0.55 1.03
C TRP A 53 -11.43 -0.73 2.53
N ASN A 54 -12.60 -0.68 3.17
CA ASN A 54 -12.67 -0.85 4.60
C ASN A 54 -12.20 -2.26 4.93
N PRO A 55 -11.34 -2.41 5.94
CA PRO A 55 -10.84 -3.75 6.29
C PRO A 55 -11.86 -4.76 6.81
N LEU A 56 -13.01 -4.28 7.27
CA LEU A 56 -14.00 -5.19 7.81
C LEU A 56 -15.36 -5.19 7.11
N ASP A 57 -15.61 -4.19 6.26
CA ASP A 57 -16.88 -4.10 5.54
C ASP A 57 -16.59 -4.19 4.04
N GLU A 58 -16.95 -5.32 3.44
CA GLU A 58 -16.67 -5.54 2.02
C GLU A 58 -17.37 -4.57 1.06
N SER A 59 -18.33 -3.81 1.55
CA SER A 59 -19.07 -2.89 0.70
C SER A 59 -18.62 -1.43 0.75
N ILE A 60 -17.72 -1.10 1.68
CA ILE A 60 -17.27 0.27 1.83
C ILE A 60 -15.91 0.58 1.23
N LEU A 61 -15.89 1.60 0.38
CA LEU A 61 -14.68 2.05 -0.31
C LEU A 61 -14.40 3.52 0.00
N ALA A 62 -13.12 3.83 0.23
CA ALA A 62 -12.71 5.21 0.46
C ALA A 62 -11.83 5.57 -0.72
N TYR A 63 -12.08 6.72 -1.35
CA TYR A 63 -11.23 7.09 -2.47
C TYR A 63 -10.88 8.57 -2.45
N GLY A 64 -9.66 8.87 -2.87
CA GLY A 64 -9.22 10.26 -2.90
C GLY A 64 -9.38 10.87 -4.27
N GLU A 65 -9.69 12.16 -4.31
CA GLU A 65 -9.88 12.85 -5.58
C GLU A 65 -8.91 14.02 -5.68
N LYS A 66 -8.85 14.64 -6.84
CA LYS A 66 -7.92 15.73 -7.06
C LYS A 66 -8.30 17.08 -6.46
N ASN A 67 -9.60 17.33 -6.28
CA ASN A 67 -10.04 18.62 -5.74
C ASN A 67 -10.06 18.72 -4.22
N SER A 68 -8.94 18.36 -3.57
CA SER A 68 -8.81 18.46 -2.12
C SER A 68 -9.99 17.81 -1.38
N VAL A 69 -10.39 16.64 -1.86
CA VAL A 69 -11.51 15.94 -1.26
C VAL A 69 -11.43 14.43 -1.51
N ALA A 70 -11.91 13.66 -0.53
CA ALA A 70 -11.96 12.21 -0.63
C ALA A 70 -13.42 11.87 -0.34
N ARG A 71 -13.84 10.68 -0.69
CA ARG A 71 -15.21 10.28 -0.43
C ARG A 71 -15.30 8.86 0.09
N LEU A 72 -16.33 8.62 0.90
CA LEU A 72 -16.58 7.28 1.41
C LEU A 72 -17.82 6.86 0.64
N ALA A 73 -17.78 5.65 0.08
CA ALA A 73 -18.91 5.16 -0.70
C ALA A 73 -19.22 3.71 -0.38
N ARG A 74 -20.47 3.35 -0.64
CA ARG A 74 -20.90 1.99 -0.41
C ARG A 74 -21.33 1.41 -1.76
N ILE A 75 -20.92 0.17 -2.02
CA ILE A 75 -21.27 -0.50 -3.26
C ILE A 75 -22.01 -1.78 -2.90
N VAL A 76 -23.29 -1.84 -3.26
CA VAL A 76 -24.10 -3.01 -2.97
C VAL A 76 -24.89 -3.44 -4.20
N GLU A 77 -25.12 -4.74 -4.33
CA GLU A 77 -25.87 -5.26 -5.46
C GLU A 77 -27.34 -5.41 -5.10
N THR A 78 -28.21 -5.14 -6.08
CA THR A 78 -29.64 -5.25 -5.87
C THR A 78 -30.19 -6.54 -6.46
N TYR A 85 -28.31 -5.48 -10.17
CA TYR A 85 -27.20 -4.67 -10.65
C TYR A 85 -26.36 -4.16 -9.47
N TRP A 86 -25.51 -3.18 -9.71
CA TRP A 86 -24.68 -2.62 -8.65
C TRP A 86 -25.01 -1.16 -8.41
N LYS A 87 -25.19 -0.82 -7.13
CA LYS A 87 -25.53 0.53 -6.74
C LYS A 87 -24.42 1.21 -5.96
N LEU A 88 -24.05 2.41 -6.39
CA LEU A 88 -23.02 3.21 -5.75
C LEU A 88 -23.68 4.35 -4.97
N THR A 89 -23.44 4.40 -3.67
CA THR A 89 -24.02 5.44 -2.83
C THR A 89 -22.92 6.13 -2.03
N ILE A 90 -22.87 7.46 -2.10
CA ILE A 90 -21.86 8.22 -1.37
C ILE A 90 -22.27 8.36 0.09
N ILE A 91 -21.40 7.89 0.98
CA ILE A 91 -21.66 7.94 2.42
C ILE A 91 -21.29 9.30 3.00
N ALA A 92 -20.19 9.87 2.52
CA ALA A 92 -19.75 11.16 3.02
C ALA A 92 -18.61 11.77 2.21
N GLU A 93 -18.47 13.07 2.32
CA GLU A 93 -17.40 13.80 1.65
C GLU A 93 -16.40 14.16 2.74
N LEU A 94 -15.13 13.88 2.49
CA LEU A 94 -14.06 14.17 3.43
C LEU A 94 -13.22 15.26 2.78
N ARG A 95 -13.62 16.50 2.99
CA ARG A 95 -12.95 17.63 2.37
C ARG A 95 -11.87 18.32 3.20
N HIS A 96 -10.80 18.74 2.52
CA HIS A 96 -9.70 19.47 3.15
C HIS A 96 -9.75 20.90 2.60
N PRO A 97 -9.65 21.90 3.47
CA PRO A 97 -9.68 23.27 2.94
C PRO A 97 -8.37 23.57 2.23
N PHE A 98 -8.37 24.54 1.32
CA PHE A 98 -7.14 24.90 0.65
C PHE A 98 -6.39 25.78 1.64
N ALA A 99 -5.07 25.70 1.64
CA ALA A 99 -4.25 26.48 2.56
C ALA A 99 -4.44 27.98 2.40
N LEU A 100 -4.27 28.69 3.51
CA LEU A 100 -4.40 30.14 3.51
C LEU A 100 -3.32 30.65 2.57
N SER A 101 -2.17 30.00 2.61
CA SER A 101 -1.01 30.33 1.78
C SER A 101 -0.40 31.68 2.15
N THR A 108 -2.73 23.19 -6.76
CA THR A 108 -3.38 21.88 -6.65
C THR A 108 -3.19 21.28 -5.26
N ASN A 109 -4.23 20.62 -4.76
CA ASN A 109 -4.18 19.99 -3.45
C ASN A 109 -4.96 18.68 -3.51
N GLN A 110 -4.39 17.69 -4.18
CA GLN A 110 -5.03 16.39 -4.32
C GLN A 110 -4.87 15.57 -3.05
N VAL A 111 -5.76 14.61 -2.86
CA VAL A 111 -5.66 13.71 -1.71
C VAL A 111 -4.61 12.72 -2.18
N THR A 112 -3.55 12.56 -1.40
CA THR A 112 -2.43 11.69 -1.78
C THR A 112 -2.30 10.42 -0.98
N CYS A 113 -3.09 10.28 0.07
CA CYS A 113 -2.99 9.11 0.92
C CYS A 113 -4.25 8.89 1.74
N LEU A 114 -4.65 7.63 1.88
CA LEU A 114 -5.82 7.27 2.70
C LEU A 114 -5.45 6.01 3.46
N ALA A 115 -5.83 5.95 4.74
CA ALA A 115 -5.50 4.78 5.55
C ALA A 115 -6.54 4.51 6.62
N TRP A 116 -7.22 3.37 6.49
CA TRP A 116 -8.22 2.95 7.47
C TRP A 116 -7.50 2.40 8.70
N SER A 117 -8.13 2.54 9.87
CA SER A 117 -7.58 1.96 11.08
C SER A 117 -7.84 0.47 10.94
N HIS A 118 -7.11 -0.36 11.69
CA HIS A 118 -7.29 -1.81 11.59
C HIS A 118 -8.70 -2.29 11.91
N ASP A 119 -9.39 -1.56 12.78
CA ASP A 119 -10.75 -1.90 13.19
C ASP A 119 -11.78 -1.43 12.17
N GLY A 120 -11.34 -0.62 11.22
CA GLY A 120 -12.23 -0.11 10.19
C GLY A 120 -13.19 0.99 10.60
N ASN A 121 -13.06 1.50 11.82
CA ASN A 121 -13.97 2.56 12.27
C ASN A 121 -13.47 3.98 12.01
N SER A 122 -12.18 4.12 11.74
CA SER A 122 -11.62 5.45 11.49
C SER A 122 -10.75 5.43 10.24
N ILE A 123 -10.53 6.60 9.66
CA ILE A 123 -9.70 6.70 8.48
C ILE A 123 -8.96 8.03 8.45
N VAL A 124 -7.72 8.01 8.00
CA VAL A 124 -6.90 9.21 7.88
C VAL A 124 -6.76 9.54 6.40
N THR A 125 -6.89 10.83 6.07
CA THR A 125 -6.71 11.27 4.69
C THR A 125 -5.61 12.33 4.71
N GLY A 126 -4.74 12.29 3.71
CA GLY A 126 -3.65 13.25 3.62
C GLY A 126 -3.68 13.93 2.26
N VAL A 127 -3.30 15.20 2.21
CA VAL A 127 -3.29 15.96 0.96
C VAL A 127 -1.91 16.47 0.58
N GLU A 128 -1.82 17.03 -0.62
CA GLU A 128 -0.56 17.54 -1.12
C GLU A 128 0.13 18.57 -0.22
N ASN A 129 -0.65 19.42 0.46
CA ASN A 129 -0.01 20.43 1.30
C ASN A 129 0.52 19.88 2.62
N GLY A 130 0.26 18.59 2.88
CA GLY A 130 0.76 17.97 4.10
C GLY A 130 -0.24 17.71 5.20
N GLU A 131 -1.39 18.35 5.14
CA GLU A 131 -2.40 18.18 6.17
C GLU A 131 -3.00 16.78 6.23
N LEU A 132 -3.28 16.33 7.45
CA LEU A 132 -3.91 15.04 7.68
C LEU A 132 -5.20 15.31 8.42
N ARG A 133 -6.26 14.57 8.09
CA ARG A 133 -7.54 14.69 8.78
C ARG A 133 -7.98 13.29 9.16
N LEU A 134 -8.58 13.17 10.34
CA LEU A 134 -9.05 11.91 10.89
C LEU A 134 -10.58 11.92 10.87
N TRP A 135 -11.16 10.85 10.34
CA TRP A 135 -12.62 10.75 10.22
C TRP A 135 -13.17 9.42 10.72
N ASN A 136 -14.45 9.41 11.09
CA ASN A 136 -15.10 8.17 11.50
C ASN A 136 -15.62 7.54 10.21
N LYS A 137 -15.89 6.24 10.24
CA LYS A 137 -16.36 5.54 9.04
C LYS A 137 -17.68 6.06 8.46
N THR A 138 -18.42 6.84 9.25
CA THR A 138 -19.68 7.41 8.78
C THR A 138 -19.45 8.81 8.20
N GLY A 139 -18.21 9.30 8.30
CA GLY A 139 -17.88 10.60 7.76
C GLY A 139 -17.55 11.73 8.72
N ALA A 140 -17.93 11.60 9.98
CA ALA A 140 -17.67 12.67 10.96
C ALA A 140 -16.19 12.98 11.12
N LEU A 141 -15.86 14.28 11.10
CA LEU A 141 -14.47 14.70 11.30
C LEU A 141 -14.15 14.52 12.78
N LEU A 142 -13.04 13.86 13.07
CA LEU A 142 -12.62 13.60 14.44
C LEU A 142 -11.47 14.47 14.91
N ASN A 143 -10.53 14.76 14.03
CA ASN A 143 -9.38 15.55 14.43
C ASN A 143 -8.64 16.04 13.20
N VAL A 144 -7.90 17.14 13.34
CA VAL A 144 -7.11 17.67 12.24
C VAL A 144 -5.67 17.62 12.73
N LEU A 145 -4.82 16.90 12.00
CA LEU A 145 -3.42 16.73 12.33
C LEU A 145 -2.54 17.41 11.29
N ASN A 146 -2.17 18.66 11.55
CA ASN A 146 -1.38 19.42 10.60
C ASN A 146 0.02 19.78 11.07
N PHE A 147 1.02 19.19 10.40
CA PHE A 147 2.41 19.45 10.73
C PHE A 147 3.27 19.31 9.47
N HIS A 148 2.97 18.30 8.66
CA HIS A 148 3.72 18.10 7.41
C HIS A 148 3.48 19.27 6.48
N ARG A 149 4.47 19.57 5.64
CA ARG A 149 4.36 20.66 4.67
C ARG A 149 4.69 20.17 3.27
N ALA A 150 4.56 18.87 3.06
CA ALA A 150 4.84 18.24 1.77
C ALA A 150 3.83 17.11 1.58
N PRO A 151 3.62 16.64 0.34
CA PRO A 151 2.67 15.56 0.07
C PRO A 151 2.85 14.32 0.94
N ILE A 152 1.75 13.82 1.48
CA ILE A 152 1.79 12.64 2.34
C ILE A 152 1.93 11.39 1.47
N VAL A 153 2.90 10.54 1.80
CA VAL A 153 3.13 9.32 1.03
C VAL A 153 2.74 8.05 1.76
N SER A 154 2.85 8.06 3.08
CA SER A 154 2.52 6.86 3.86
C SER A 154 1.95 7.20 5.23
N VAL A 155 0.98 6.41 5.65
CA VAL A 155 0.34 6.55 6.96
C VAL A 155 0.06 5.13 7.45
N LYS A 156 0.59 4.79 8.62
CA LYS A 156 0.39 3.46 9.19
C LYS A 156 -0.15 3.55 10.62
N TRP A 157 -1.19 2.79 10.90
CA TRP A 157 -1.82 2.73 12.22
C TRP A 157 -1.19 1.64 13.06
N ASN A 158 -1.09 1.85 14.36
CA ASN A 158 -0.54 0.81 15.22
C ASN A 158 -1.69 -0.14 15.57
N LYS A 159 -1.35 -1.24 16.25
CA LYS A 159 -2.29 -2.28 16.63
C LYS A 159 -3.62 -1.86 17.26
N ASP A 160 -3.55 -1.10 18.35
CA ASP A 160 -4.78 -0.69 19.04
C ASP A 160 -5.46 0.59 18.56
N GLY A 161 -4.97 1.16 17.47
CA GLY A 161 -5.58 2.36 16.92
C GLY A 161 -5.42 3.64 17.72
N THR A 162 -4.32 3.76 18.45
CA THR A 162 -4.06 4.93 19.27
C THR A 162 -2.96 5.83 18.70
N HIS A 163 -2.13 5.28 17.82
CA HIS A 163 -1.04 6.04 17.23
C HIS A 163 -0.90 5.77 15.75
N ILE A 164 -0.37 6.75 15.03
CA ILE A 164 -0.11 6.58 13.61
C ILE A 164 1.26 7.16 13.32
N ILE A 165 1.86 6.69 12.24
CA ILE A 165 3.14 7.21 11.78
C ILE A 165 2.80 7.74 10.39
N SER A 166 3.23 8.97 10.10
CA SER A 166 2.96 9.54 8.78
C SER A 166 4.28 10.04 8.22
N MET A 167 4.44 9.90 6.91
CA MET A 167 5.67 10.36 6.26
C MET A 167 5.31 11.06 4.96
N ASP A 168 6.02 12.14 4.67
CA ASP A 168 5.77 12.88 3.43
C ASP A 168 6.91 12.66 2.44
N VAL A 169 6.77 13.25 1.25
CA VAL A 169 7.76 13.10 0.19
C VAL A 169 9.16 13.58 0.55
N GLU A 170 9.25 14.53 1.48
CA GLU A 170 10.55 15.06 1.89
C GLU A 170 11.12 14.21 3.03
N ASN A 171 10.45 13.09 3.27
CA ASN A 171 10.84 12.15 4.32
C ASN A 171 10.70 12.64 5.74
N VAL A 172 9.92 13.70 5.94
CA VAL A 172 9.68 14.17 7.29
C VAL A 172 8.71 13.11 7.81
N THR A 173 9.06 12.50 8.93
CA THR A 173 8.24 11.44 9.50
C THR A 173 7.75 11.86 10.88
N ILE A 174 6.46 11.68 11.13
CA ILE A 174 5.86 12.07 12.39
C ILE A 174 5.14 10.94 13.11
N LEU A 175 5.34 10.86 14.41
CA LEU A 175 4.67 9.88 15.26
C LEU A 175 3.59 10.69 15.98
N TRP A 176 2.34 10.31 15.78
CA TRP A 176 1.22 11.02 16.38
C TRP A 176 0.44 10.21 17.39
N ASN A 177 -0.13 10.91 18.38
CA ASN A 177 -1.05 10.26 19.29
C ASN A 177 -2.26 10.70 18.47
N VAL A 178 -2.87 9.77 17.74
CA VAL A 178 -3.99 10.09 16.86
C VAL A 178 -5.26 10.56 17.55
N ILE A 179 -5.46 10.14 18.79
CA ILE A 179 -6.65 10.54 19.54
C ILE A 179 -6.56 12.00 19.99
N SER A 180 -5.42 12.39 20.54
CA SER A 180 -5.25 13.77 20.99
C SER A 180 -4.80 14.67 19.84
N GLY A 181 -4.28 14.05 18.78
CA GLY A 181 -3.82 14.82 17.63
C GLY A 181 -2.56 15.60 17.93
N THR A 182 -1.70 15.03 18.78
CA THR A 182 -0.46 15.68 19.15
C THR A 182 0.76 14.99 18.54
N VAL A 183 1.79 15.79 18.30
CA VAL A 183 3.04 15.30 17.72
C VAL A 183 3.92 14.75 18.85
N MET A 184 4.17 13.46 18.84
CA MET A 184 5.00 12.85 19.88
C MET A 184 6.48 12.85 19.52
N GLN A 185 6.76 12.61 18.25
CA GLN A 185 8.13 12.62 17.75
C GLN A 185 8.14 13.04 16.30
N HIS A 186 9.24 13.64 15.87
CA HIS A 186 9.39 14.07 14.49
C HIS A 186 10.78 13.67 14.03
N PHE A 187 10.88 13.11 12.83
CA PHE A 187 12.16 12.67 12.30
C PHE A 187 12.45 13.26 10.93
N GLU A 188 13.67 13.77 10.76
CA GLU A 188 14.13 14.33 9.49
C GLU A 188 15.51 13.72 9.28
N LEU A 189 15.53 12.45 8.91
CA LEU A 189 16.78 11.71 8.73
C LEU A 189 17.60 12.05 7.50
N LYS A 190 17.05 12.86 6.59
CA LYS A 190 17.78 13.23 5.38
C LYS A 190 18.87 14.24 5.70
N GLY A 206 18.45 12.66 -2.32
CA GLY A 206 17.08 12.45 -2.75
C GLY A 206 16.24 11.72 -1.72
N SER A 207 15.14 11.13 -2.17
CA SER A 207 14.24 10.39 -1.30
C SER A 207 14.94 9.21 -0.61
N LEU A 208 14.60 8.99 0.65
CA LEU A 208 15.16 7.89 1.42
C LEU A 208 14.25 6.68 1.29
N GLY A 209 13.03 6.91 0.81
CA GLY A 209 12.08 5.84 0.67
C GLY A 209 10.66 6.38 0.77
N VAL A 210 9.68 5.50 0.59
CA VAL A 210 8.28 5.92 0.62
C VAL A 210 7.36 5.06 1.48
N ASP A 211 7.91 4.38 2.47
CA ASP A 211 7.08 3.55 3.33
C ASP A 211 7.63 3.56 4.76
N VAL A 212 6.76 3.25 5.72
CA VAL A 212 7.11 3.15 7.13
C VAL A 212 6.29 1.96 7.64
N GLU A 213 6.58 1.47 8.85
CA GLU A 213 5.84 0.31 9.34
C GLU A 213 5.97 0.09 10.83
N TRP A 214 4.89 -0.40 11.46
CA TRP A 214 4.93 -0.70 12.88
C TRP A 214 5.41 -2.13 13.02
N VAL A 215 6.29 -2.39 13.99
CA VAL A 215 6.81 -3.74 14.20
C VAL A 215 6.46 -4.28 15.57
N ASP A 216 5.66 -3.50 16.31
CA ASP A 216 5.19 -3.86 17.63
C ASP A 216 4.18 -2.79 18.03
N ASP A 217 3.47 -3.00 19.12
CA ASP A 217 2.48 -2.02 19.57
C ASP A 217 3.12 -0.66 19.82
N ASP A 218 4.40 -0.66 20.17
CA ASP A 218 5.11 0.58 20.47
C ASP A 218 6.47 0.70 19.78
N LYS A 219 6.65 -0.02 18.67
CA LYS A 219 7.91 0.05 17.94
C LYS A 219 7.61 0.17 16.46
N PHE A 220 8.47 0.89 15.74
CA PHE A 220 8.26 1.10 14.31
C PHE A 220 9.58 1.30 13.57
N VAL A 221 9.50 1.21 12.24
CA VAL A 221 10.68 1.39 11.41
C VAL A 221 10.43 2.41 10.31
N ILE A 222 11.47 3.18 9.98
CA ILE A 222 11.38 4.19 8.94
C ILE A 222 12.69 4.24 8.15
N PRO A 223 12.63 4.64 6.88
CA PRO A 223 13.84 4.71 6.05
C PRO A 223 14.86 5.71 6.59
N GLY A 224 16.11 5.30 6.58
CA GLY A 224 17.19 6.15 7.04
C GLY A 224 18.14 6.43 5.88
N PRO A 225 19.25 7.13 6.11
CA PRO A 225 20.20 7.42 5.04
C PRO A 225 20.85 6.19 4.42
N LYS A 226 21.25 6.31 3.16
CA LYS A 226 21.93 5.25 2.43
C LYS A 226 21.30 3.86 2.48
N GLY A 227 19.98 3.80 2.40
CA GLY A 227 19.29 2.52 2.41
C GLY A 227 19.09 1.84 3.75
N ALA A 228 19.54 2.47 4.82
CA ALA A 228 19.37 1.88 6.15
C ALA A 228 17.91 2.00 6.57
N ILE A 229 17.50 1.13 7.50
CA ILE A 229 16.15 1.17 8.05
C ILE A 229 16.36 1.36 9.55
N PHE A 230 15.85 2.46 10.08
CA PHE A 230 15.99 2.77 11.50
C PHE A 230 14.83 2.22 12.32
N VAL A 231 15.14 1.64 13.48
CA VAL A 231 14.12 1.07 14.35
C VAL A 231 13.95 2.00 15.55
N TYR A 232 12.70 2.26 15.93
CA TYR A 232 12.41 3.13 17.06
C TYR A 232 11.37 2.57 18.02
N GLN A 233 11.38 3.14 19.22
CA GLN A 233 10.41 2.79 20.26
C GLN A 233 9.71 4.12 20.50
N ILE A 234 8.40 4.09 20.74
CA ILE A 234 7.63 5.31 20.94
C ILE A 234 8.17 6.33 21.93
N THR A 235 8.69 5.87 23.07
CA THR A 235 9.21 6.78 24.09
C THR A 235 10.64 7.27 23.92
N GLU A 236 11.34 6.82 22.88
CA GLU A 236 12.72 7.25 22.68
C GLU A 236 13.00 7.87 21.32
N LYS A 237 13.73 8.99 21.33
CA LYS A 237 14.07 9.70 20.10
C LYS A 237 15.25 9.03 19.41
N THR A 238 16.09 8.36 20.19
CA THR A 238 17.26 7.67 19.65
C THR A 238 16.86 6.29 19.14
N PRO A 239 17.27 5.94 17.91
CA PRO A 239 16.94 4.63 17.36
C PRO A 239 17.40 3.49 18.27
N THR A 240 16.58 2.46 18.40
CA THR A 240 16.93 1.32 19.24
C THR A 240 17.82 0.37 18.43
N GLY A 241 17.83 0.58 17.11
CA GLY A 241 18.64 -0.26 16.25
C GLY A 241 18.61 0.22 14.81
N LYS A 242 19.49 -0.33 13.99
CA LYS A 242 19.56 0.03 12.59
C LYS A 242 19.75 -1.22 11.75
N LEU A 243 18.90 -1.37 10.74
CA LEU A 243 18.96 -2.52 9.85
C LEU A 243 19.73 -2.09 8.61
N ILE A 244 20.95 -2.58 8.49
CA ILE A 244 21.82 -2.22 7.37
C ILE A 244 21.92 -3.32 6.34
N GLY A 245 21.77 -2.96 5.07
CA GLY A 245 21.85 -3.94 4.00
C GLY A 245 21.49 -3.40 2.63
N HIS A 246 20.39 -2.67 2.53
CA HIS A 246 19.98 -2.10 1.25
C HIS A 246 20.92 -1.01 0.75
N HIS A 247 21.00 -0.86 -0.57
CA HIS A 247 21.87 0.14 -1.18
C HIS A 247 21.08 1.21 -1.92
N GLY A 248 19.78 1.28 -1.66
CA GLY A 248 18.96 2.27 -2.32
C GLY A 248 17.73 2.61 -1.50
N PRO A 249 16.93 3.60 -1.92
CA PRO A 249 15.73 4.00 -1.19
C PRO A 249 14.81 2.81 -0.85
N ILE A 250 14.14 2.90 0.30
CA ILE A 250 13.24 1.86 0.75
C ILE A 250 11.84 2.10 0.20
N SER A 251 11.37 1.16 -0.62
CA SER A 251 10.06 1.29 -1.26
C SER A 251 8.92 0.56 -0.54
N VAL A 252 9.26 -0.44 0.27
CA VAL A 252 8.25 -1.22 0.97
C VAL A 252 8.73 -1.68 2.34
N LEU A 253 7.84 -1.60 3.32
CA LEU A 253 8.11 -2.08 4.68
C LEU A 253 6.82 -2.74 5.14
N GLU A 254 6.87 -4.06 5.31
CA GLU A 254 5.73 -4.85 5.73
C GLU A 254 6.10 -5.83 6.83
N PHE A 255 5.49 -5.65 8.01
CA PHE A 255 5.76 -6.53 9.14
C PHE A 255 4.69 -7.62 9.24
N ASN A 256 5.15 -8.84 9.48
CA ASN A 256 4.26 -9.99 9.65
C ASN A 256 4.20 -10.23 11.15
N ASP A 257 3.02 -9.97 11.74
CA ASP A 257 2.85 -10.11 13.19
C ASP A 257 2.78 -11.54 13.70
N THR A 258 2.78 -12.52 12.79
CA THR A 258 2.74 -13.92 13.22
C THR A 258 4.15 -14.48 13.32
N ASN A 259 4.94 -14.34 12.25
CA ASN A 259 6.31 -14.85 12.29
C ASN A 259 7.30 -13.81 12.83
N LYS A 260 6.79 -12.61 13.10
CA LYS A 260 7.58 -11.51 13.64
C LYS A 260 8.76 -11.09 12.76
N LEU A 261 8.57 -11.16 11.45
CA LEU A 261 9.61 -10.77 10.52
C LEU A 261 9.20 -9.55 9.72
N LEU A 262 10.18 -8.72 9.38
CA LEU A 262 9.95 -7.53 8.60
C LEU A 262 10.41 -7.76 7.17
N LEU A 263 9.55 -7.44 6.21
CA LEU A 263 9.87 -7.56 4.80
C LEU A 263 10.16 -6.15 4.29
N SER A 264 11.28 -5.97 3.61
CA SER A 264 11.60 -4.67 3.04
C SER A 264 11.93 -4.83 1.56
N ALA A 265 11.64 -3.80 0.77
CA ALA A 265 11.95 -3.81 -0.65
C ALA A 265 12.66 -2.50 -0.92
N SER A 266 13.53 -2.49 -1.92
CA SER A 266 14.30 -1.29 -2.22
C SER A 266 14.47 -1.01 -3.70
N ASP A 267 14.86 0.22 -4.01
CA ASP A 267 15.11 0.60 -5.40
C ASP A 267 16.30 -0.20 -5.88
N ASP A 268 17.06 -0.77 -4.94
CA ASP A 268 18.24 -1.56 -5.29
C ASP A 268 17.89 -2.90 -5.93
N GLY A 269 16.59 -3.13 -6.13
CA GLY A 269 16.14 -4.36 -6.77
C GLY A 269 16.10 -5.61 -5.91
N THR A 270 16.23 -5.47 -4.60
CA THR A 270 16.20 -6.63 -3.73
C THR A 270 15.15 -6.54 -2.63
N LEU A 271 14.84 -7.70 -2.08
CA LEU A 271 13.94 -7.82 -0.95
C LEU A 271 14.81 -8.33 0.18
N ARG A 272 14.55 -7.88 1.39
CA ARG A 272 15.28 -8.37 2.54
C ARG A 272 14.26 -8.74 3.61
N ILE A 273 14.60 -9.76 4.40
CA ILE A 273 13.73 -10.23 5.49
C ILE A 273 14.55 -10.00 6.75
N TRP A 274 13.96 -9.32 7.73
CA TRP A 274 14.70 -9.03 8.97
C TRP A 274 14.08 -9.65 10.21
N HIS A 275 14.95 -10.23 11.04
CA HIS A 275 14.54 -10.85 12.29
C HIS A 275 15.09 -10.07 13.47
N GLY A 276 16.38 -9.71 13.39
CA GLY A 276 17.03 -8.98 14.45
C GLY A 276 16.60 -7.53 14.53
N GLY A 277 16.66 -6.94 15.72
CA GLY A 277 16.28 -5.55 15.89
C GLY A 277 17.42 -4.63 15.56
N ASN A 278 18.52 -5.23 15.13
CA ASN A 278 19.72 -4.48 14.77
C ASN A 278 20.69 -5.42 14.06
N GLY A 279 21.39 -4.91 13.05
CA GLY A 279 22.33 -5.75 12.33
C GLY A 279 21.93 -6.12 10.92
N ASN A 280 22.38 -7.31 10.49
CA ASN A 280 22.11 -7.81 9.14
C ASN A 280 20.76 -8.48 8.98
N SER A 281 20.39 -8.73 7.73
CA SER A 281 19.12 -9.38 7.43
C SER A 281 19.21 -10.89 7.46
N GLN A 282 18.05 -11.54 7.56
CA GLN A 282 17.95 -12.99 7.58
C GLN A 282 17.95 -13.55 6.16
N ASN A 283 17.29 -12.84 5.25
CA ASN A 283 17.25 -13.24 3.85
C ASN A 283 17.45 -12.02 2.97
N CYS A 284 17.97 -12.24 1.76
CA CYS A 284 18.16 -11.17 0.80
C CYS A 284 17.91 -11.84 -0.55
N PHE A 285 16.86 -11.42 -1.23
CA PHE A 285 16.49 -11.99 -2.52
C PHE A 285 16.84 -11.12 -3.73
N TYR A 286 17.74 -11.64 -4.56
CA TYR A 286 18.16 -10.99 -5.79
C TYR A 286 17.41 -11.61 -6.95
N GLY A 287 17.18 -10.82 -7.99
CA GLY A 287 16.47 -11.33 -9.16
C GLY A 287 15.88 -10.23 -9.99
N HIS A 288 15.17 -9.30 -9.36
CA HIS A 288 14.57 -8.20 -10.07
C HIS A 288 15.68 -7.35 -10.70
N SER A 289 15.46 -6.92 -11.93
CA SER A 289 16.45 -6.12 -12.66
C SER A 289 16.19 -4.63 -12.56
N GLN A 290 15.08 -4.26 -11.94
CA GLN A 290 14.74 -2.85 -11.77
C GLN A 290 14.08 -2.67 -10.40
N SER A 291 13.80 -1.42 -10.04
CA SER A 291 13.18 -1.11 -8.76
C SER A 291 11.93 -1.92 -8.46
N ILE A 292 11.79 -2.33 -7.21
CA ILE A 292 10.64 -3.08 -6.77
C ILE A 292 9.58 -2.07 -6.33
N VAL A 293 8.41 -2.13 -6.94
CA VAL A 293 7.35 -1.17 -6.63
C VAL A 293 6.42 -1.60 -5.50
N SER A 294 6.22 -2.91 -5.33
CA SER A 294 5.35 -3.41 -4.28
C SER A 294 5.81 -4.80 -3.84
N ALA A 295 5.52 -5.15 -2.60
CA ALA A 295 5.87 -6.46 -2.05
C ALA A 295 4.95 -6.76 -0.89
N SER A 296 4.59 -8.03 -0.73
CA SER A 296 3.70 -8.45 0.34
C SER A 296 4.05 -9.83 0.87
N TRP A 297 3.59 -10.11 2.09
CA TRP A 297 3.78 -11.41 2.67
C TRP A 297 2.70 -12.30 2.07
N VAL A 298 3.05 -13.55 1.85
CA VAL A 298 2.10 -14.53 1.34
C VAL A 298 2.18 -15.60 2.42
N GLY A 299 1.30 -15.50 3.41
CA GLY A 299 1.35 -16.43 4.51
C GLY A 299 2.56 -16.06 5.34
N ASP A 300 3.17 -17.05 5.99
CA ASP A 300 4.32 -16.81 6.85
C ASP A 300 5.64 -17.32 6.28
N ASP A 301 5.60 -18.08 5.20
CA ASP A 301 6.82 -18.65 4.63
C ASP A 301 7.18 -18.15 3.24
N LYS A 302 6.41 -17.21 2.71
CA LYS A 302 6.70 -16.69 1.37
C LYS A 302 6.42 -15.20 1.28
N VAL A 303 7.03 -14.55 0.29
CA VAL A 303 6.81 -13.14 0.03
C VAL A 303 6.70 -13.01 -1.48
N ILE A 304 5.99 -12.01 -1.94
CA ILE A 304 5.80 -11.80 -3.36
C ILE A 304 6.12 -10.34 -3.68
N SER A 305 6.71 -10.11 -4.85
CA SER A 305 7.08 -8.77 -5.24
C SER A 305 6.82 -8.53 -6.72
N CYS A 306 6.69 -7.26 -7.10
CA CYS A 306 6.54 -6.92 -8.50
C CYS A 306 7.44 -5.72 -8.76
N SER A 307 7.86 -5.55 -10.00
CA SER A 307 8.82 -4.52 -10.30
C SER A 307 8.64 -3.79 -11.63
N MET A 308 9.42 -2.73 -11.80
CA MET A 308 9.38 -1.97 -13.03
C MET A 308 9.93 -2.83 -14.15
N ASP A 309 10.53 -3.97 -13.80
CA ASP A 309 11.07 -4.88 -14.81
C ASP A 309 9.96 -5.73 -15.43
N GLY A 310 8.72 -5.48 -15.00
CA GLY A 310 7.58 -6.20 -15.55
C GLY A 310 7.34 -7.60 -15.01
N SER A 311 8.03 -8.00 -13.95
CA SER A 311 7.86 -9.34 -13.40
C SER A 311 7.25 -9.38 -12.01
N VAL A 312 6.63 -10.52 -11.72
CA VAL A 312 6.03 -10.79 -10.42
C VAL A 312 6.80 -12.01 -9.96
N ARG A 313 7.38 -11.93 -8.77
CA ARG A 313 8.16 -13.04 -8.24
C ARG A 313 7.73 -13.49 -6.87
N LEU A 314 7.56 -14.79 -6.71
CA LEU A 314 7.15 -15.41 -5.44
C LEU A 314 8.40 -16.08 -4.88
N TRP A 315 8.74 -15.72 -3.64
CA TRP A 315 9.94 -16.24 -2.99
C TRP A 315 9.64 -17.12 -1.79
N SER A 316 10.48 -18.14 -1.60
CA SER A 316 10.33 -19.07 -0.48
C SER A 316 11.38 -18.81 0.60
N LEU A 317 10.93 -18.56 1.83
CA LEU A 317 11.88 -18.35 2.92
C LEU A 317 12.45 -19.69 3.38
N LYS A 318 11.63 -20.72 3.36
CA LYS A 318 12.05 -22.05 3.79
C LYS A 318 13.14 -22.64 2.91
N GLN A 319 13.08 -22.35 1.61
CA GLN A 319 14.07 -22.88 0.67
C GLN A 319 15.06 -21.83 0.17
N ASN A 320 14.88 -20.59 0.61
CA ASN A 320 15.74 -19.48 0.20
C ASN A 320 15.92 -19.47 -1.32
N THR A 321 14.81 -19.36 -2.03
CA THR A 321 14.89 -19.37 -3.48
C THR A 321 13.63 -18.85 -4.14
N LEU A 322 13.75 -18.51 -5.41
CA LEU A 322 12.62 -18.05 -6.20
C LEU A 322 11.75 -19.26 -6.44
N LEU A 323 10.48 -19.19 -6.03
CA LEU A 323 9.56 -20.31 -6.19
C LEU A 323 8.83 -20.28 -7.53
N ALA A 324 8.45 -19.08 -7.96
CA ALA A 324 7.73 -18.93 -9.22
C ALA A 324 7.79 -17.50 -9.72
N LEU A 325 7.55 -17.31 -11.01
CA LEU A 325 7.57 -15.97 -11.56
C LEU A 325 6.77 -15.88 -12.85
N SER A 326 6.29 -14.67 -13.13
CA SER A 326 5.53 -14.39 -14.34
C SER A 326 5.99 -13.03 -14.80
N ILE A 327 6.07 -12.84 -16.11
CA ILE A 327 6.53 -11.57 -16.64
C ILE A 327 5.90 -11.18 -17.97
N VAL A 328 5.77 -9.87 -18.16
CA VAL A 328 5.25 -9.30 -19.40
C VAL A 328 6.42 -8.44 -19.84
N ASP A 329 7.34 -9.06 -20.59
CA ASP A 329 8.54 -8.39 -21.08
C ASP A 329 8.31 -6.99 -21.64
N GLY A 330 9.10 -6.04 -21.13
CA GLY A 330 9.01 -4.67 -21.58
C GLY A 330 7.87 -3.83 -21.04
N VAL A 331 7.00 -4.44 -20.24
CA VAL A 331 5.88 -3.69 -19.67
C VAL A 331 5.99 -3.60 -18.15
N PRO A 332 6.43 -2.43 -17.66
CA PRO A 332 6.59 -2.18 -16.22
C PRO A 332 5.31 -2.33 -15.42
N ILE A 333 5.46 -2.74 -14.16
CA ILE A 333 4.32 -2.87 -13.26
C ILE A 333 4.41 -1.66 -12.34
N PHE A 334 3.30 -0.96 -12.17
CA PHE A 334 3.26 0.22 -11.32
C PHE A 334 2.81 -0.04 -9.89
N ALA A 335 2.07 -1.12 -9.68
CA ALA A 335 1.59 -1.45 -8.35
C ALA A 335 1.10 -2.89 -8.27
N GLY A 336 1.22 -3.47 -7.08
CA GLY A 336 0.79 -4.84 -6.84
C GLY A 336 0.12 -4.90 -5.48
N ARG A 337 -0.94 -5.69 -5.37
CA ARG A 337 -1.67 -5.81 -4.10
C ARG A 337 -2.08 -7.25 -3.84
N ILE A 338 -1.86 -7.72 -2.63
CA ILE A 338 -2.24 -9.09 -2.27
C ILE A 338 -3.66 -9.06 -1.69
N SER A 339 -4.44 -10.08 -1.98
CA SER A 339 -5.80 -10.17 -1.47
C SER A 339 -5.76 -10.48 0.02
N GLN A 340 -6.89 -10.24 0.68
CA GLN A 340 -7.03 -10.48 2.11
C GLN A 340 -6.68 -11.92 2.48
N ASP A 341 -7.13 -12.87 1.67
CA ASP A 341 -6.88 -14.28 1.95
C ASP A 341 -5.50 -14.76 1.51
N GLY A 342 -4.72 -13.87 0.92
CA GLY A 342 -3.38 -14.19 0.47
C GLY A 342 -3.29 -15.19 -0.67
N GLN A 343 -4.40 -15.42 -1.35
CA GLN A 343 -4.44 -16.39 -2.45
C GLN A 343 -4.39 -15.76 -3.84
N LYS A 344 -4.51 -14.44 -3.91
CA LYS A 344 -4.50 -13.76 -5.20
C LYS A 344 -3.63 -12.50 -5.13
N TYR A 345 -2.94 -12.21 -6.22
CA TYR A 345 -2.09 -11.03 -6.29
C TYR A 345 -2.44 -10.26 -7.55
N ALA A 346 -2.88 -9.02 -7.38
CA ALA A 346 -3.28 -8.17 -8.51
C ALA A 346 -2.22 -7.13 -8.81
N VAL A 347 -1.87 -6.99 -10.09
CA VAL A 347 -0.87 -6.02 -10.50
C VAL A 347 -1.38 -5.13 -11.63
N ALA A 348 -0.93 -3.88 -11.64
CA ALA A 348 -1.33 -2.95 -12.68
C ALA A 348 -0.13 -2.67 -13.56
N PHE A 349 -0.24 -3.03 -14.84
CA PHE A 349 0.85 -2.80 -15.79
C PHE A 349 0.76 -1.40 -16.37
N MET A 350 1.89 -0.91 -16.86
CA MET A 350 1.97 0.41 -17.45
C MET A 350 1.05 0.59 -18.65
N ASP A 351 0.67 -0.52 -19.28
CA ASP A 351 -0.20 -0.44 -20.44
C ASP A 351 -1.69 -0.39 -20.08
N GLY A 352 -1.98 -0.24 -18.78
CA GLY A 352 -3.36 -0.16 -18.35
C GLY A 352 -4.06 -1.48 -18.08
N GLN A 353 -3.31 -2.58 -18.17
CA GLN A 353 -3.91 -3.88 -17.92
C GLN A 353 -3.67 -4.33 -16.48
N VAL A 354 -4.69 -4.95 -15.91
CA VAL A 354 -4.60 -5.48 -14.56
C VAL A 354 -4.61 -7.00 -14.68
N ASN A 355 -3.61 -7.63 -14.07
CA ASN A 355 -3.53 -9.09 -14.08
C ASN A 355 -3.73 -9.56 -12.64
N VAL A 356 -4.53 -10.59 -12.46
CA VAL A 356 -4.73 -11.17 -11.15
C VAL A 356 -4.10 -12.56 -11.23
N TYR A 357 -3.12 -12.80 -10.37
CA TYR A 357 -2.43 -14.08 -10.32
C TYR A 357 -2.96 -14.95 -9.20
N ASP A 358 -3.01 -16.25 -9.45
CA ASP A 358 -3.52 -17.21 -8.48
C ASP A 358 -2.37 -17.89 -7.76
N LEU A 359 -2.34 -17.77 -6.44
CA LEU A 359 -1.29 -18.36 -5.63
C LEU A 359 -1.78 -19.60 -4.89
N LYS A 360 -3.06 -19.91 -5.02
CA LYS A 360 -3.66 -21.06 -4.33
C LYS A 360 -2.86 -22.36 -4.37
N LYS A 361 -2.60 -22.87 -5.57
CA LYS A 361 -1.86 -24.13 -5.68
C LYS A 361 -0.43 -23.99 -5.16
N LEU A 362 0.18 -22.84 -5.41
CA LEU A 362 1.53 -22.59 -4.95
C LEU A 362 1.59 -22.54 -3.42
N ASN A 363 0.46 -22.24 -2.79
CA ASN A 363 0.37 -22.19 -1.33
C ASN A 363 -0.10 -23.50 -0.72
N SER A 364 -0.72 -24.34 -1.52
CA SER A 364 -1.23 -25.62 -1.04
C SER A 364 -0.11 -26.46 -0.41
N PRO A 379 11.55 -21.96 -10.91
CA PRO A 379 11.20 -21.38 -12.21
C PRO A 379 9.76 -21.67 -12.63
N LEU A 380 8.92 -22.03 -11.65
CA LEU A 380 7.53 -22.33 -11.92
C LEU A 380 6.82 -21.05 -12.33
N PRO A 381 5.79 -21.14 -13.17
CA PRO A 381 5.08 -19.93 -13.57
C PRO A 381 3.99 -19.61 -12.57
N ILE A 382 3.61 -18.35 -12.43
CA ILE A 382 2.53 -18.00 -11.52
C ILE A 382 1.28 -17.97 -12.39
N PRO A 383 0.32 -18.87 -12.14
CA PRO A 383 -0.92 -18.94 -12.92
C PRO A 383 -1.66 -17.62 -13.05
N LEU A 384 -2.04 -17.27 -14.28
CA LEU A 384 -2.79 -16.05 -14.52
C LEU A 384 -4.26 -16.40 -14.33
N TYR A 385 -4.88 -15.79 -13.33
CA TYR A 385 -6.28 -16.07 -13.00
C TYR A 385 -7.26 -15.24 -13.83
N ALA A 386 -6.97 -13.96 -13.97
CA ALA A 386 -7.86 -13.07 -14.71
C ALA A 386 -7.15 -11.79 -15.15
N SER A 387 -7.76 -11.10 -16.11
CA SER A 387 -7.20 -9.85 -16.62
C SER A 387 -8.30 -8.83 -16.88
N TYR A 388 -7.96 -7.55 -16.74
CA TYR A 388 -8.89 -6.45 -16.98
C TYR A 388 -8.16 -5.48 -17.91
N GLN A 389 -8.78 -5.14 -19.04
CA GLN A 389 -8.18 -4.25 -20.01
C GLN A 389 -9.21 -3.95 -21.10
N SER A 390 -8.94 -2.92 -21.89
CA SER A 390 -9.82 -2.58 -23.00
C SER A 390 -9.02 -1.72 -23.96
N SER A 391 -9.41 -1.74 -25.23
CA SER A 391 -8.71 -0.97 -26.24
C SER A 391 -9.35 0.40 -26.44
N GLN A 392 -10.27 0.80 -25.56
CA GLN A 392 -10.94 2.08 -25.72
C GLN A 392 -10.20 3.28 -25.13
N ASP A 393 -9.09 3.03 -24.43
CA ASP A 393 -8.25 4.10 -23.90
C ASP A 393 -6.89 3.51 -23.57
N ASN A 394 -5.88 4.36 -23.45
CA ASN A 394 -4.52 3.90 -23.13
C ASN A 394 -4.03 4.57 -21.85
N ASP A 395 -4.94 4.96 -20.97
CA ASP A 395 -4.55 5.62 -19.73
C ASP A 395 -3.80 4.68 -18.79
N TYR A 396 -3.01 5.27 -17.89
CA TYR A 396 -2.22 4.54 -16.90
C TYR A 396 -3.08 4.24 -15.68
N ILE A 397 -2.72 3.18 -14.96
CA ILE A 397 -3.37 2.83 -13.70
C ILE A 397 -2.29 3.11 -12.66
N PHE A 398 -2.60 3.98 -11.70
CA PHE A 398 -1.65 4.38 -10.66
C PHE A 398 -1.84 3.62 -9.35
N ASP A 399 -3.02 3.06 -9.16
CA ASP A 399 -3.32 2.36 -7.92
C ASP A 399 -4.46 1.37 -8.07
N LEU A 400 -4.47 0.37 -7.20
CA LEU A 400 -5.55 -0.60 -7.19
C LEU A 400 -5.72 -1.07 -5.75
N SER A 401 -6.92 -1.52 -5.40
CA SER A 401 -7.16 -1.98 -4.04
C SER A 401 -8.23 -3.05 -4.02
N TRP A 402 -8.05 -4.03 -3.13
CA TRP A 402 -8.97 -5.15 -2.95
C TRP A 402 -9.96 -4.88 -1.83
N ASN A 403 -11.22 -5.31 -2.00
CA ASN A 403 -12.16 -5.16 -0.89
C ASN A 403 -11.82 -6.35 0.02
N CYS A 404 -12.28 -6.34 1.26
CA CYS A 404 -11.89 -7.39 2.19
C CYS A 404 -12.35 -8.81 1.85
N ALA A 405 -13.42 -8.92 1.06
CA ALA A 405 -13.94 -10.23 0.67
C ALA A 405 -13.21 -10.79 -0.55
N GLY A 406 -12.45 -9.95 -1.22
CA GLY A 406 -11.71 -10.39 -2.38
C GLY A 406 -12.54 -10.56 -3.65
N ASN A 407 -13.73 -9.96 -3.69
CA ASN A 407 -14.57 -10.09 -4.89
C ASN A 407 -14.68 -8.79 -5.67
N LYS A 408 -13.95 -7.77 -5.25
CA LYS A 408 -13.96 -6.48 -5.94
C LYS A 408 -12.59 -5.79 -5.85
N ILE A 409 -12.23 -5.11 -6.92
CA ILE A 409 -10.98 -4.35 -6.97
C ILE A 409 -11.32 -2.97 -7.52
N SER A 410 -10.78 -1.95 -6.87
CA SER A 410 -10.98 -0.57 -7.30
C SER A 410 -9.73 -0.18 -8.06
N VAL A 411 -9.92 0.26 -9.30
CA VAL A 411 -8.83 0.66 -10.18
C VAL A 411 -8.80 2.18 -10.36
N ALA A 412 -7.65 2.77 -10.05
CA ALA A 412 -7.49 4.21 -10.17
C ALA A 412 -6.64 4.56 -11.39
N TYR A 413 -7.27 5.19 -12.39
CA TYR A 413 -6.56 5.60 -13.58
C TYR A 413 -6.01 7.01 -13.34
N SER A 414 -4.94 7.36 -14.04
CA SER A 414 -4.33 8.67 -13.84
C SER A 414 -5.22 9.84 -14.21
N LEU A 415 -5.95 9.72 -15.32
CA LEU A 415 -6.80 10.81 -15.79
C LEU A 415 -8.28 10.50 -15.93
N GLN A 416 -8.61 9.33 -16.49
CA GLN A 416 -10.01 8.99 -16.68
C GLN A 416 -10.71 8.49 -15.43
N GLU A 417 -11.97 8.12 -15.60
CA GLU A 417 -12.79 7.64 -14.49
C GLU A 417 -12.26 6.36 -13.86
N GLY A 418 -12.44 6.25 -12.55
CA GLY A 418 -12.01 5.05 -11.84
C GLY A 418 -12.98 3.93 -12.20
N SER A 419 -12.62 2.71 -11.82
CA SER A 419 -13.47 1.57 -12.13
C SER A 419 -13.42 0.51 -11.04
N VAL A 420 -14.60 0.00 -10.68
CA VAL A 420 -14.66 -1.08 -9.70
C VAL A 420 -14.99 -2.31 -10.53
N VAL A 421 -14.14 -3.34 -10.41
CA VAL A 421 -14.33 -4.56 -11.18
C VAL A 421 -14.65 -5.74 -10.27
N ALA A 422 -15.44 -6.67 -10.78
CA ALA A 422 -15.81 -7.84 -10.01
C ALA A 422 -14.78 -8.95 -10.23
N ILE A 423 -14.40 -9.62 -9.14
CA ILE A 423 -13.44 -10.72 -9.23
C ILE A 423 -14.20 -11.99 -8.89
N PRO A 424 -14.42 -12.86 -9.90
CA PRO A 424 -15.15 -14.12 -9.67
C PRO A 424 -14.41 -15.03 -8.71
N GLY A 425 -15.17 -15.81 -7.96
CA GLY A 425 -14.58 -16.75 -7.02
C GLY A 425 -14.20 -18.04 -7.72
S SO4 B . -16.29 18.13 -5.56
O1 SO4 B . -15.12 18.91 -5.12
O2 SO4 B . -16.86 18.75 -6.77
O3 SO4 B . -15.88 16.75 -5.86
O4 SO4 B . -17.31 18.10 -4.51
S SO4 C . -4.72 -0.91 0.31
O1 SO4 C . -3.71 -1.83 0.88
O2 SO4 C . -4.27 0.48 0.44
O3 SO4 C . -4.91 -1.24 -1.13
O4 SO4 C . -5.99 -1.07 1.03
#